data_7Q30
#
_entry.id   7Q30
#
_cell.length_a   91.660
_cell.length_b   91.660
_cell.length_c   47.560
_cell.angle_alpha   90.000
_cell.angle_beta   90.000
_cell.angle_gamma   120.000
#
_symmetry.space_group_name_H-M   'P 3'
#
loop_
_entity.id
_entity.type
_entity.pdbx_description
1 polymer 'Uridine phosphorylase'
2 non-polymer GLYCEROL
3 non-polymer 'SULFATE ION'
4 non-polymer 'LITHIUM ION'
5 water water
#
_entity_poly.entity_id   1
_entity_poly.type   'polypeptide(L)'
_entity_poly.pdbx_seq_one_letter_code
;ADVFHLGLTKAMLDGATLAIVPGDPERVKRIAELMDNATFLASHREYTSYLAYADGKPVVICSTGIGGPSTSIAVEELAQ
LGVNTFLRVGATGAIQPHVNVGDVIVTQASVRLDGASLHFAPMEFPAVANFECTTAMVAACRDAGVEPHIGVTASSDTFY
PGQERYDTVTGRVTRRFAGSMKEWQDMGVLNYEMESATLFTMCATQGWRAACVAGVIVNRTQQEIPDEATMKKTEVSAVS
IVVAAAKKLLA
;
_entity_poly.pdbx_strand_id   DDD,AAA
#
loop_
_chem_comp.id
_chem_comp.type
_chem_comp.name
_chem_comp.formula
GOL non-polymer GLYCEROL 'C3 H8 O3'
LI non-polymer 'LITHIUM ION' 'Li 1'
SO4 non-polymer 'SULFATE ION' 'O4 S -2'
#
# COMPACT_ATOMS: atom_id res chain seq x y z
N ALA A 1 -16.66 -7.27 -13.41
CA ALA A 1 -16.02 -7.89 -12.24
C ALA A 1 -17.05 -7.72 -11.15
N ASP A 2 -17.19 -8.73 -10.26
CA ASP A 2 -18.05 -8.76 -9.08
C ASP A 2 -17.46 -7.93 -7.92
N VAL A 3 -16.18 -7.56 -7.96
CA VAL A 3 -15.60 -6.75 -6.89
C VAL A 3 -14.98 -5.48 -7.45
N PHE A 4 -14.79 -4.47 -6.60
CA PHE A 4 -14.37 -3.14 -7.04
C PHE A 4 -12.95 -3.12 -7.57
N HIS A 5 -11.99 -3.90 -7.00
CA HIS A 5 -10.57 -3.64 -7.36
C HIS A 5 -9.90 -4.84 -8.02
N LEU A 6 -10.26 -6.06 -7.60
CA LEU A 6 -9.40 -7.16 -8.06
C LEU A 6 -9.66 -7.52 -9.53
N GLY A 7 -10.81 -7.11 -10.05
CA GLY A 7 -11.19 -7.40 -11.42
C GLY A 7 -11.59 -8.87 -11.57
N LEU A 8 -12.18 -9.47 -10.52
CA LEU A 8 -12.50 -10.88 -10.57
C LEU A 8 -14.02 -11.04 -10.48
N THR A 9 -14.52 -12.15 -11.06
CA THR A 9 -15.88 -12.62 -10.76
C THR A 9 -15.78 -13.90 -9.97
N LYS A 10 -16.87 -14.26 -9.28
CA LYS A 10 -16.81 -15.47 -8.50
C LYS A 10 -16.45 -16.69 -9.36
N ALA A 11 -17.00 -16.76 -10.58
CA ALA A 11 -16.81 -17.95 -11.41
C ALA A 11 -15.35 -18.10 -11.74
N MET A 12 -14.60 -16.98 -11.82
CA MET A 12 -13.19 -17.13 -12.15
C MET A 12 -12.42 -17.94 -11.11
N LEU A 13 -12.83 -17.95 -9.81
CA LEU A 13 -12.10 -18.73 -8.80
C LEU A 13 -12.50 -20.21 -8.83
N ASP A 14 -13.59 -20.56 -9.55
CA ASP A 14 -13.91 -21.96 -9.75
C ASP A 14 -14.14 -22.65 -8.40
N GLY A 15 -14.77 -21.93 -7.45
CA GLY A 15 -15.01 -22.53 -6.15
C GLY A 15 -13.85 -22.36 -5.15
N ALA A 16 -12.75 -21.64 -5.48
CA ALA A 16 -11.67 -21.70 -4.49
C ALA A 16 -12.13 -21.03 -3.18
N THR A 17 -11.72 -21.58 -2.03
CA THR A 17 -12.05 -20.98 -0.73
C THR A 17 -10.79 -20.62 0.10
N LEU A 18 -9.60 -20.79 -0.49
CA LEU A 18 -8.31 -20.54 0.14
C LEU A 18 -7.51 -19.68 -0.81
N ALA A 19 -6.93 -18.63 -0.24
CA ALA A 19 -6.07 -17.75 -1.03
C ALA A 19 -4.65 -17.78 -0.45
N ILE A 20 -3.65 -17.87 -1.32
CA ILE A 20 -2.29 -17.48 -0.92
C ILE A 20 -2.08 -16.00 -1.32
N VAL A 21 -1.69 -15.17 -0.33
CA VAL A 21 -1.69 -13.70 -0.50
C VAL A 21 -0.25 -13.15 -0.27
N PRO A 22 0.62 -13.18 -1.28
CA PRO A 22 1.98 -12.61 -1.16
C PRO A 22 1.77 -11.10 -1.30
N GLY A 23 2.81 -10.35 -0.92
CA GLY A 23 2.80 -8.88 -1.04
C GLY A 23 2.97 -8.42 -2.50
N ASP A 24 3.87 -9.07 -3.20
CA ASP A 24 4.47 -8.56 -4.42
C ASP A 24 3.76 -9.23 -5.58
N PRO A 25 3.07 -8.42 -6.39
CA PRO A 25 2.37 -8.90 -7.59
C PRO A 25 3.20 -9.71 -8.58
N GLU A 26 4.52 -9.53 -8.51
CA GLU A 26 5.41 -10.16 -9.46
C GLU A 26 5.80 -11.51 -8.91
N ARG A 27 5.41 -11.85 -7.68
CA ARG A 27 5.65 -13.17 -7.14
C ARG A 27 4.45 -14.12 -7.32
N VAL A 28 3.31 -13.59 -7.75
CA VAL A 28 2.11 -14.41 -7.74
C VAL A 28 2.31 -15.61 -8.71
N LYS A 29 2.81 -15.36 -9.93
CA LYS A 29 2.94 -16.40 -10.94
C LYS A 29 3.76 -17.58 -10.42
N ARG A 30 4.92 -17.27 -9.87
CA ARG A 30 5.81 -18.28 -9.32
C ARG A 30 5.09 -19.18 -8.32
N ILE A 31 4.24 -18.60 -7.45
CA ILE A 31 3.56 -19.41 -6.48
C ILE A 31 2.55 -20.30 -7.23
N ALA A 32 1.79 -19.65 -8.12
CA ALA A 32 0.69 -20.35 -8.82
C ALA A 32 1.32 -21.55 -9.52
N GLU A 33 2.58 -21.35 -9.99
CA GLU A 33 3.23 -22.34 -10.87
C GLU A 33 3.78 -23.53 -10.09
N LEU A 34 3.78 -23.50 -8.76
CA LEU A 34 4.15 -24.68 -8.00
C LEU A 34 2.97 -25.62 -7.89
N MET A 35 1.77 -25.20 -8.32
CA MET A 35 0.59 -26.04 -8.25
C MET A 35 0.22 -26.40 -9.69
N ASP A 36 -0.97 -26.99 -9.90
CA ASP A 36 -1.18 -27.49 -11.27
C ASP A 36 -2.01 -26.47 -12.04
N ASN A 37 -1.90 -26.49 -13.38
CA ASN A 37 -2.85 -25.73 -14.21
C ASN A 37 -2.92 -24.24 -13.78
N ALA A 38 -1.78 -23.62 -13.44
CA ALA A 38 -1.77 -22.22 -13.04
C ALA A 38 -2.30 -21.40 -14.19
N THR A 39 -3.16 -20.45 -13.86
CA THR A 39 -3.88 -19.68 -14.84
C THR A 39 -3.88 -18.24 -14.40
N PHE A 40 -3.43 -17.34 -15.29
CA PHE A 40 -3.55 -15.91 -15.05
C PHE A 40 -5.04 -15.55 -14.94
N LEU A 41 -5.43 -14.74 -13.95
CA LEU A 41 -6.83 -14.36 -13.86
C LEU A 41 -6.92 -12.88 -14.23
N ALA A 42 -6.18 -12.03 -13.49
CA ALA A 42 -6.39 -10.61 -13.59
C ALA A 42 -5.20 -9.83 -13.04
N SER A 43 -5.11 -8.59 -13.52
CA SER A 43 -4.13 -7.73 -12.94
C SER A 43 -4.66 -6.31 -13.05
N HIS A 44 -5.03 -5.76 -11.88
CA HIS A 44 -5.53 -4.40 -11.72
C HIS A 44 -4.82 -3.78 -10.52
N ARG A 45 -4.22 -2.59 -10.79
CA ARG A 45 -3.36 -1.90 -9.84
C ARG A 45 -2.43 -2.90 -9.23
N GLU A 46 -2.34 -2.91 -7.88
CA GLU A 46 -1.32 -3.78 -7.28
C GLU A 46 -1.87 -5.17 -7.04
N TYR A 47 -3.08 -5.49 -7.60
CA TYR A 47 -3.59 -6.82 -7.40
C TYR A 47 -3.47 -7.66 -8.68
N THR A 48 -2.49 -8.60 -8.67
CA THR A 48 -2.33 -9.62 -9.71
C THR A 48 -2.83 -10.93 -9.13
N SER A 49 -3.73 -11.63 -9.83
CA SER A 49 -4.34 -12.84 -9.29
C SER A 49 -4.20 -13.96 -10.31
N TYR A 50 -3.86 -15.13 -9.78
CA TYR A 50 -3.87 -16.37 -10.58
C TYR A 50 -4.75 -17.42 -9.86
N LEU A 51 -5.15 -18.44 -10.60
CA LEU A 51 -5.79 -19.61 -10.00
C LEU A 51 -4.90 -20.80 -10.30
N ALA A 52 -4.89 -21.81 -9.40
CA ALA A 52 -4.13 -23.04 -9.60
C ALA A 52 -4.77 -24.14 -8.74
N TYR A 53 -4.31 -25.37 -8.93
CA TYR A 53 -4.97 -26.50 -8.30
C TYR A 53 -3.95 -27.24 -7.47
N ALA A 54 -4.28 -27.34 -6.17
CA ALA A 54 -3.50 -28.10 -5.20
C ALA A 54 -4.22 -29.43 -5.04
N ASP A 55 -3.56 -30.49 -5.57
CA ASP A 55 -4.11 -31.83 -5.51
C ASP A 55 -5.59 -31.74 -5.87
N GLY A 56 -5.91 -30.98 -6.90
CA GLY A 56 -7.25 -31.07 -7.45
C GLY A 56 -8.16 -29.93 -7.01
N LYS A 57 -7.80 -29.20 -5.94
CA LYS A 57 -8.75 -28.19 -5.47
C LYS A 57 -8.21 -26.82 -5.90
N PRO A 58 -9.06 -25.90 -6.33
CA PRO A 58 -8.58 -24.61 -6.78
C PRO A 58 -8.12 -23.80 -5.55
N VAL A 59 -6.98 -23.16 -5.72
CA VAL A 59 -6.39 -22.11 -4.88
C VAL A 59 -6.27 -20.81 -5.67
N VAL A 60 -6.68 -19.69 -5.07
CA VAL A 60 -6.46 -18.39 -5.69
C VAL A 60 -5.17 -17.82 -5.10
N ILE A 61 -4.29 -17.29 -5.95
CA ILE A 61 -3.08 -16.60 -5.53
C ILE A 61 -3.23 -15.14 -5.98
N CYS A 62 -3.16 -14.23 -4.98
CA CYS A 62 -3.44 -12.84 -5.23
C CYS A 62 -2.54 -11.94 -4.40
N SER A 63 -1.90 -10.97 -5.05
CA SER A 63 -1.02 -10.02 -4.36
C SER A 63 -1.84 -9.05 -3.48
N THR A 64 -1.23 -8.51 -2.46
CA THR A 64 -1.96 -7.61 -1.56
C THR A 64 -1.50 -6.16 -1.72
N GLY A 65 -0.35 -5.96 -2.36
CA GLY A 65 0.32 -4.68 -2.24
C GLY A 65 1.04 -4.61 -0.88
N ILE A 66 1.64 -3.44 -0.63
CA ILE A 66 2.27 -3.15 0.64
C ILE A 66 1.28 -2.47 1.56
N GLY A 67 1.18 -2.98 2.80
CA GLY A 67 0.53 -2.28 3.88
C GLY A 67 -0.94 -2.72 4.05
N GLY A 68 -1.49 -2.42 5.22
CA GLY A 68 -2.79 -2.87 5.68
C GLY A 68 -3.90 -2.35 4.79
N PRO A 69 -3.86 -1.07 4.35
CA PRO A 69 -4.94 -0.55 3.57
C PRO A 69 -5.06 -1.34 2.28
N SER A 70 -3.94 -1.60 1.57
CA SER A 70 -4.10 -2.24 0.27
C SER A 70 -4.48 -3.69 0.54
N THR A 71 -3.97 -4.23 1.63
CA THR A 71 -4.21 -5.65 1.92
C THR A 71 -5.70 -5.80 2.29
N SER A 72 -6.25 -4.79 2.99
CA SER A 72 -7.58 -4.98 3.48
C SER A 72 -8.54 -5.10 2.31
N ILE A 73 -8.30 -4.29 1.27
CA ILE A 73 -9.10 -4.38 0.05
C ILE A 73 -9.01 -5.78 -0.58
N ALA A 74 -7.79 -6.34 -0.73
CA ALA A 74 -7.68 -7.64 -1.38
C ALA A 74 -8.41 -8.72 -0.56
N VAL A 75 -8.22 -8.67 0.78
CA VAL A 75 -8.79 -9.68 1.63
C VAL A 75 -10.33 -9.59 1.59
N GLU A 76 -10.86 -8.34 1.68
CA GLU A 76 -12.32 -8.18 1.74
C GLU A 76 -12.98 -8.69 0.44
N GLU A 77 -12.31 -8.35 -0.68
CA GLU A 77 -12.87 -8.69 -2.00
C GLU A 77 -12.74 -10.19 -2.29
N LEU A 78 -11.59 -10.81 -1.90
CA LEU A 78 -11.47 -12.24 -2.07
C LEU A 78 -12.57 -12.93 -1.21
N ALA A 79 -12.91 -12.42 0.01
CA ALA A 79 -13.92 -13.08 0.88
C ALA A 79 -15.30 -12.97 0.22
N GLN A 80 -15.54 -11.85 -0.45
CA GLN A 80 -16.76 -11.65 -1.18
C GLN A 80 -16.80 -12.70 -2.29
N LEU A 81 -15.62 -13.16 -2.72
CA LEU A 81 -15.70 -14.07 -3.85
C LEU A 81 -15.65 -15.50 -3.32
N GLY A 82 -15.67 -15.59 -1.99
CA GLY A 82 -15.92 -16.81 -1.24
C GLY A 82 -14.67 -17.36 -0.57
N VAL A 83 -13.56 -16.59 -0.53
CA VAL A 83 -12.39 -17.19 0.10
C VAL A 83 -12.64 -17.06 1.61
N ASN A 84 -12.35 -18.10 2.34
CA ASN A 84 -12.46 -17.97 3.78
C ASN A 84 -11.13 -18.26 4.50
N THR A 85 -10.10 -18.67 3.77
CA THR A 85 -8.77 -18.84 4.37
C THR A 85 -7.70 -18.06 3.61
N PHE A 86 -6.80 -17.35 4.34
CA PHE A 86 -5.80 -16.51 3.68
C PHE A 86 -4.44 -16.83 4.28
N LEU A 87 -3.52 -17.33 3.44
CA LEU A 87 -2.19 -17.70 3.88
C LEU A 87 -1.23 -16.68 3.31
N ARG A 88 -0.55 -15.97 4.20
CA ARG A 88 0.34 -14.98 3.73
C ARG A 88 1.72 -15.57 3.74
N VAL A 89 2.46 -15.25 2.68
CA VAL A 89 3.85 -15.71 2.61
C VAL A 89 4.68 -14.49 2.31
N GLY A 90 5.82 -14.37 2.96
CA GLY A 90 6.56 -13.16 2.66
C GLY A 90 8.05 -13.39 2.90
N ALA A 91 8.85 -12.36 2.73
CA ALA A 91 10.29 -12.43 3.02
C ALA A 91 10.42 -11.36 4.06
N THR A 92 11.29 -11.50 5.08
CA THR A 92 11.16 -10.55 6.18
C THR A 92 12.54 -10.32 6.81
N GLY A 93 12.57 -9.28 7.63
CA GLY A 93 13.84 -9.01 8.32
C GLY A 93 13.64 -9.31 9.81
N ALA A 94 14.46 -10.23 10.31
CA ALA A 94 14.47 -10.57 11.71
C ALA A 94 15.08 -9.46 12.56
N ILE A 95 14.62 -9.38 13.81
CA ILE A 95 15.24 -8.44 14.71
C ILE A 95 15.80 -9.17 15.95
N GLN A 96 15.87 -10.50 15.97
CA GLN A 96 16.39 -11.22 17.11
C GLN A 96 17.75 -11.78 16.68
N PRO A 97 18.82 -11.56 17.48
CA PRO A 97 20.14 -12.14 17.21
C PRO A 97 20.18 -13.55 16.61
N HIS A 98 19.48 -14.52 17.18
CA HIS A 98 19.82 -15.82 16.61
C HIS A 98 18.85 -16.26 15.50
N VAL A 99 18.10 -15.31 14.93
CA VAL A 99 17.19 -15.75 13.90
C VAL A 99 17.90 -15.44 12.58
N ASN A 100 18.49 -16.47 11.99
CA ASN A 100 19.48 -16.28 10.95
C ASN A 100 18.82 -16.10 9.60
N VAL A 101 19.48 -15.37 8.70
CA VAL A 101 19.11 -15.39 7.28
C VAL A 101 18.99 -16.85 6.88
N GLY A 102 17.88 -17.19 6.24
CA GLY A 102 17.66 -18.58 5.88
C GLY A 102 16.63 -19.27 6.76
N ASP A 103 16.43 -18.77 7.99
CA ASP A 103 15.43 -19.32 8.89
C ASP A 103 14.02 -18.95 8.39
N VAL A 104 13.00 -19.54 8.98
CA VAL A 104 11.60 -19.22 8.62
C VAL A 104 10.85 -18.82 9.92
N ILE A 105 9.94 -17.84 9.81
CA ILE A 105 9.13 -17.38 10.92
C ILE A 105 7.69 -17.74 10.55
N VAL A 106 7.02 -18.41 11.49
CA VAL A 106 5.56 -18.50 11.43
C VAL A 106 5.03 -17.49 12.45
N THR A 107 4.26 -16.51 11.99
CA THR A 107 3.77 -15.46 12.87
C THR A 107 2.49 -15.94 13.57
N GLN A 108 2.51 -16.09 14.90
CA GLN A 108 1.27 -16.54 15.53
C GLN A 108 0.39 -15.33 15.80
N ALA A 109 1.04 -14.18 15.99
CA ALA A 109 0.27 -12.98 16.27
C ALA A 109 1.14 -11.76 15.99
N SER A 110 0.51 -10.56 15.94
CA SER A 110 1.29 -9.41 15.53
C SER A 110 1.08 -8.24 16.50
N VAL A 111 2.15 -7.44 16.71
CA VAL A 111 2.03 -6.11 17.32
C VAL A 111 1.33 -5.23 16.30
N ARG A 112 0.26 -4.54 16.73
CA ARG A 112 -0.57 -3.84 15.78
C ARG A 112 -0.06 -2.41 15.65
N LEU A 113 1.05 -2.18 14.88
CA LEU A 113 1.55 -0.84 14.65
C LEU A 113 0.98 -0.28 13.34
N ASP A 114 -0.27 -0.64 13.01
CA ASP A 114 -0.86 -0.34 11.74
C ASP A 114 -2.17 0.40 12.01
N GLY A 115 -2.75 0.98 10.98
CA GLY A 115 -3.97 1.68 11.28
C GLY A 115 -5.19 0.91 10.80
N ALA A 116 -5.06 0.16 9.70
CA ALA A 116 -6.19 -0.56 9.12
C ALA A 116 -6.76 -1.54 10.16
N SER A 117 -5.92 -2.17 11.01
CA SER A 117 -6.54 -3.12 11.96
C SER A 117 -7.62 -2.48 12.85
N LEU A 118 -7.46 -1.19 13.12
CA LEU A 118 -8.38 -0.44 13.94
C LEU A 118 -9.77 -0.27 13.32
N HIS A 119 -9.93 -0.47 12.00
CA HIS A 119 -11.25 -0.40 11.37
C HIS A 119 -11.98 -1.67 11.71
N PHE A 120 -11.27 -2.71 12.19
CA PHE A 120 -11.97 -3.98 12.37
C PHE A 120 -12.08 -4.30 13.85
N ALA A 121 -11.16 -3.80 14.68
CA ALA A 121 -11.33 -4.08 16.10
C ALA A 121 -10.60 -3.00 16.86
N PRO A 122 -11.02 -2.68 18.12
CA PRO A 122 -10.26 -1.77 18.96
C PRO A 122 -8.92 -2.40 19.22
N MET A 123 -7.95 -1.56 19.61
CA MET A 123 -6.56 -1.97 19.72
C MET A 123 -6.40 -3.14 20.74
N GLU A 124 -7.31 -3.28 21.71
CA GLU A 124 -7.19 -4.30 22.77
C GLU A 124 -7.37 -5.71 22.19
N PHE A 125 -7.98 -5.82 21.02
CA PHE A 125 -8.18 -7.12 20.39
C PHE A 125 -6.88 -7.68 19.81
N PRO A 126 -6.51 -8.96 20.04
CA PRO A 126 -5.20 -9.49 19.65
C PRO A 126 -5.23 -9.74 18.14
N ALA A 127 -4.19 -9.26 17.43
CA ALA A 127 -3.99 -9.59 16.02
C ALA A 127 -3.42 -11.01 15.89
N VAL A 128 -4.29 -12.00 16.06
CA VAL A 128 -3.85 -13.40 16.23
C VAL A 128 -4.18 -14.21 14.98
N ALA A 129 -3.22 -15.08 14.58
CA ALA A 129 -3.44 -15.97 13.44
C ALA A 129 -4.36 -17.12 13.86
N ASN A 130 -5.07 -17.67 12.88
CA ASN A 130 -5.93 -18.81 13.16
C ASN A 130 -5.08 -20.02 13.61
N PHE A 131 -5.60 -20.79 14.59
CA PHE A 131 -4.73 -21.78 15.19
C PHE A 131 -4.50 -22.98 14.27
N GLU A 132 -5.55 -23.42 13.59
CA GLU A 132 -5.35 -24.52 12.66
C GLU A 132 -4.47 -24.14 11.48
N CYS A 133 -4.60 -22.89 10.93
CA CYS A 133 -3.76 -22.57 9.77
C CYS A 133 -2.30 -22.42 10.20
N THR A 134 -2.08 -21.87 11.39
CA THR A 134 -0.71 -21.78 11.94
C THR A 134 -0.08 -23.16 12.19
N THR A 135 -0.94 -24.03 12.73
CA THR A 135 -0.60 -25.47 12.87
C THR A 135 -0.15 -26.07 11.51
N ALA A 136 -0.87 -25.81 10.41
CA ALA A 136 -0.48 -26.37 9.11
C ALA A 136 0.84 -25.77 8.65
N MET A 137 1.05 -24.48 8.90
CA MET A 137 2.27 -23.80 8.50
C MET A 137 3.44 -24.45 9.21
N VAL A 138 3.32 -24.62 10.53
CA VAL A 138 4.40 -25.23 11.29
C VAL A 138 4.69 -26.65 10.75
N ALA A 139 3.63 -27.43 10.49
CA ALA A 139 3.83 -28.82 10.01
C ALA A 139 4.53 -28.78 8.64
N ALA A 140 4.09 -27.86 7.77
CA ALA A 140 4.70 -27.74 6.46
C ALA A 140 6.16 -27.40 6.65
N CYS A 141 6.52 -26.47 7.54
CA CYS A 141 7.91 -26.17 7.78
C CYS A 141 8.61 -27.47 8.17
N ARG A 142 8.11 -28.13 9.19
CA ARG A 142 8.85 -29.27 9.69
C ARG A 142 9.03 -30.35 8.63
N ASP A 143 7.99 -30.65 7.83
CA ASP A 143 8.09 -31.54 6.67
C ASP A 143 9.24 -31.07 5.79
N ALA A 144 9.60 -29.78 5.78
CA ALA A 144 10.64 -29.36 4.85
C ALA A 144 11.98 -29.31 5.58
N GLY A 145 12.02 -29.89 6.77
CA GLY A 145 13.24 -30.08 7.53
C GLY A 145 13.58 -28.80 8.29
N VAL A 146 12.58 -27.92 8.45
CA VAL A 146 12.86 -26.57 8.94
C VAL A 146 12.12 -26.38 10.27
N GLU A 147 12.81 -26.03 11.36
CA GLU A 147 12.11 -25.76 12.59
C GLU A 147 11.80 -24.27 12.59
N PRO A 148 10.51 -23.85 12.47
CA PRO A 148 10.25 -22.43 12.27
C PRO A 148 10.38 -21.77 13.64
N HIS A 149 10.66 -20.46 13.64
CA HIS A 149 10.52 -19.65 14.84
C HIS A 149 9.06 -19.21 14.89
N ILE A 150 8.37 -19.62 15.95
CA ILE A 150 6.96 -19.30 16.00
C ILE A 150 6.81 -18.20 17.03
N GLY A 151 6.31 -17.03 16.63
CA GLY A 151 6.17 -15.96 17.62
C GLY A 151 5.48 -14.74 17.00
N VAL A 152 5.78 -13.60 17.66
CA VAL A 152 5.08 -12.36 17.44
C VAL A 152 5.85 -11.55 16.44
N THR A 153 5.15 -10.97 15.49
CA THR A 153 5.84 -10.10 14.53
C THR A 153 5.35 -8.66 14.78
N ALA A 154 6.21 -7.68 14.50
CA ALA A 154 5.72 -6.31 14.58
C ALA A 154 5.28 -5.88 13.19
N SER A 155 4.05 -5.43 13.11
CA SER A 155 3.43 -5.17 11.84
C SER A 155 3.13 -3.66 11.76
N SER A 156 3.73 -2.98 10.79
CA SER A 156 3.82 -1.53 10.92
C SER A 156 3.21 -0.90 9.66
N ASP A 157 2.77 0.35 9.75
CA ASP A 157 2.31 1.08 8.58
C ASP A 157 3.42 1.82 7.84
N THR A 158 4.70 1.73 8.27
CA THR A 158 5.78 2.32 7.51
C THR A 158 6.90 1.28 7.42
N PHE A 159 7.74 1.43 6.39
CA PHE A 159 8.93 0.62 6.19
C PHE A 159 10.05 1.20 7.06
N TYR A 160 10.03 2.55 7.14
CA TYR A 160 11.06 3.48 7.63
C TYR A 160 10.80 3.82 9.11
N PRO A 161 10.15 4.97 9.54
CA PRO A 161 9.99 5.31 10.97
C PRO A 161 9.43 4.24 11.92
N GLY A 162 8.25 3.70 11.59
CA GLY A 162 7.65 2.69 12.46
C GLY A 162 8.50 1.41 12.52
N GLN A 163 9.52 1.32 11.65
CA GLN A 163 10.50 0.23 11.73
C GLN A 163 11.85 0.71 12.27
N GLU A 164 11.92 1.97 12.77
CA GLU A 164 13.11 2.55 13.38
C GLU A 164 14.34 2.46 12.45
N ARG A 165 14.09 2.85 11.19
CA ARG A 165 15.10 3.02 10.13
C ARG A 165 15.48 4.50 10.12
N TYR A 166 16.81 4.75 10.19
CA TYR A 166 17.35 6.10 10.25
C TYR A 166 18.19 6.41 9.02
N ASP A 167 18.44 5.40 8.16
CA ASP A 167 19.10 5.69 6.89
C ASP A 167 18.00 6.17 5.96
N THR A 168 17.44 7.30 6.37
CA THR A 168 16.45 7.98 5.59
C THR A 168 16.99 9.38 5.33
N VAL A 169 16.15 10.13 4.65
CA VAL A 169 16.32 11.52 4.34
C VAL A 169 16.55 12.37 5.60
N THR A 170 15.59 12.38 6.51
CA THR A 170 15.73 13.26 7.68
C THR A 170 16.55 12.53 8.74
N GLY A 171 16.60 11.19 8.62
CA GLY A 171 17.32 10.36 9.57
C GLY A 171 16.79 10.53 11.00
N ARG A 172 15.50 10.86 11.10
CA ARG A 172 14.81 11.11 12.36
C ARG A 172 13.58 10.23 12.43
N VAL A 173 13.28 9.72 13.63
CA VAL A 173 12.05 8.99 13.85
C VAL A 173 11.25 9.75 14.91
N THR A 174 9.90 9.82 14.75
CA THR A 174 8.96 10.33 15.74
C THR A 174 9.24 9.59 17.06
N ARG A 175 9.10 10.34 18.17
CA ARG A 175 9.20 9.93 19.57
C ARG A 175 8.57 8.54 19.75
N ARG A 176 7.24 8.41 19.53
CA ARG A 176 6.52 7.15 19.44
C ARG A 176 7.41 5.99 18.95
N PHE A 177 8.12 6.16 17.82
CA PHE A 177 8.92 5.04 17.29
C PHE A 177 10.41 5.15 17.63
N ALA A 178 10.84 6.21 18.33
CA ALA A 178 12.23 6.16 18.80
C ALA A 178 12.35 5.20 20.02
N GLY A 179 13.43 4.38 20.01
CA GLY A 179 13.71 3.25 20.92
C GLY A 179 12.79 2.03 20.72
N SER A 180 11.88 2.11 19.74
CA SER A 180 10.82 1.11 19.65
C SER A 180 11.37 -0.25 19.18
N MET A 181 12.27 -0.32 18.19
CA MET A 181 12.84 -1.62 17.82
C MET A 181 13.41 -2.42 19.02
N LYS A 182 14.19 -1.74 19.84
CA LYS A 182 14.82 -2.39 20.99
C LYS A 182 13.69 -2.79 21.93
N GLU A 183 12.59 -2.01 21.94
CA GLU A 183 11.44 -2.33 22.77
C GLU A 183 10.90 -3.69 22.32
N TRP A 184 10.78 -3.85 21.00
CA TRP A 184 10.20 -5.10 20.49
C TRP A 184 11.15 -6.26 20.71
N GLN A 185 12.45 -5.99 20.55
CA GLN A 185 13.42 -7.07 20.73
C GLN A 185 13.34 -7.62 22.15
N ASP A 186 13.33 -6.70 23.12
CA ASP A 186 13.22 -7.10 24.52
C ASP A 186 11.95 -7.90 24.81
N MET A 187 10.88 -7.61 24.05
CA MET A 187 9.64 -8.39 24.13
C MET A 187 9.61 -9.67 23.33
N GLY A 188 10.74 -10.08 22.74
CA GLY A 188 10.84 -11.35 22.04
C GLY A 188 10.20 -11.32 20.64
N VAL A 189 9.90 -10.13 20.13
CA VAL A 189 9.28 -9.95 18.81
C VAL A 189 10.30 -10.41 17.77
N LEU A 190 9.85 -11.21 16.80
CA LEU A 190 10.80 -11.89 15.91
C LEU A 190 11.24 -11.00 14.75
N ASN A 191 10.33 -10.19 14.20
CA ASN A 191 10.60 -9.58 12.92
C ASN A 191 9.59 -8.45 12.73
N TYR A 192 9.81 -7.65 11.69
CA TYR A 192 8.91 -6.57 11.30
C TYR A 192 8.27 -6.94 9.97
N GLU A 193 6.97 -6.66 9.73
CA GLU A 193 6.58 -6.56 8.33
C GLU A 193 5.42 -5.58 8.32
N MET A 194 4.66 -5.56 7.23
CA MET A 194 3.72 -4.45 7.14
C MET A 194 2.24 -4.85 6.93
N GLU A 195 1.85 -6.15 6.89
CA GLU A 195 0.46 -6.44 6.54
C GLU A 195 -0.27 -7.35 7.55
N SER A 196 0.50 -8.14 8.29
CA SER A 196 -0.11 -9.23 9.08
C SER A 196 -1.02 -8.76 10.21
N ALA A 197 -0.81 -7.58 10.83
CA ALA A 197 -1.79 -7.23 11.87
C ALA A 197 -3.10 -6.88 11.20
N THR A 198 -3.08 -6.25 10.00
CA THR A 198 -4.36 -5.99 9.40
C THR A 198 -5.02 -7.31 9.03
N LEU A 199 -4.26 -8.13 8.28
CA LEU A 199 -4.75 -9.44 7.83
C LEU A 199 -5.38 -10.20 9.01
N PHE A 200 -4.62 -10.28 10.10
CA PHE A 200 -5.07 -11.21 11.16
C PHE A 200 -6.26 -10.61 11.89
N THR A 201 -6.32 -9.28 12.04
CA THR A 201 -7.41 -8.70 12.82
C THR A 201 -8.68 -8.74 11.98
N MET A 202 -8.54 -8.40 10.68
CA MET A 202 -9.75 -8.39 9.89
C MET A 202 -10.25 -9.83 9.75
N CYS A 203 -9.38 -10.83 9.73
CA CYS A 203 -9.83 -12.18 9.49
C CYS A 203 -10.50 -12.72 10.76
N ALA A 204 -9.78 -12.59 11.84
CA ALA A 204 -10.25 -13.08 13.15
C ALA A 204 -11.62 -12.49 13.47
N THR A 205 -11.83 -11.18 13.20
CA THR A 205 -13.08 -10.56 13.66
C THR A 205 -14.22 -10.90 12.71
N GLN A 206 -13.88 -11.29 11.49
CA GLN A 206 -14.95 -11.58 10.53
C GLN A 206 -15.08 -13.08 10.25
N GLY A 207 -14.44 -13.97 11.04
CA GLY A 207 -14.80 -15.37 10.88
C GLY A 207 -14.00 -15.98 9.71
N TRP A 208 -12.89 -15.36 9.24
CA TRP A 208 -12.04 -16.03 8.24
C TRP A 208 -10.77 -16.50 8.92
N ARG A 209 -10.07 -17.43 8.25
CA ARG A 209 -8.87 -17.97 8.90
C ARG A 209 -7.65 -17.31 8.25
N ALA A 210 -6.58 -16.98 8.99
CA ALA A 210 -5.40 -16.44 8.35
C ALA A 210 -4.17 -16.98 9.04
N ALA A 211 -3.03 -17.07 8.31
CA ALA A 211 -1.81 -17.51 8.94
C ALA A 211 -0.75 -16.78 8.15
N CYS A 212 0.49 -16.82 8.67
CA CYS A 212 1.49 -16.13 7.88
C CYS A 212 2.82 -16.82 8.11
N VAL A 213 3.58 -16.94 7.01
CA VAL A 213 4.90 -17.54 7.08
C VAL A 213 5.84 -16.62 6.33
N ALA A 214 7.13 -16.58 6.77
CA ALA A 214 8.02 -15.75 5.99
C ALA A 214 9.46 -16.28 6.05
N GLY A 215 10.22 -16.12 4.96
CA GLY A 215 11.63 -16.44 4.90
C GLY A 215 12.45 -15.25 5.44
N VAL A 216 13.38 -15.53 6.32
CA VAL A 216 14.21 -14.45 6.83
C VAL A 216 15.32 -14.20 5.82
N ILE A 217 15.25 -13.00 5.22
CA ILE A 217 16.20 -12.61 4.16
C ILE A 217 17.24 -11.62 4.67
N VAL A 218 17.00 -11.06 5.88
CA VAL A 218 17.93 -10.11 6.49
C VAL A 218 17.81 -10.14 7.99
N ASN A 219 18.94 -10.00 8.73
CA ASN A 219 18.87 -9.86 10.19
C ASN A 219 19.44 -8.51 10.55
N ARG A 220 18.57 -7.62 10.97
CA ARG A 220 18.88 -6.24 11.28
C ARG A 220 19.87 -6.13 12.43
N THR A 221 20.13 -7.22 13.15
CA THR A 221 21.07 -7.20 14.27
C THR A 221 22.47 -7.61 13.79
N GLN A 222 22.61 -8.12 12.55
CA GLN A 222 23.91 -8.62 12.12
C GLN A 222 24.51 -7.61 11.14
N GLN A 223 25.84 -7.48 11.22
CA GLN A 223 26.66 -6.66 10.33
C GLN A 223 26.83 -7.34 8.96
N GLU A 224 26.98 -8.69 8.94
CA GLU A 224 27.16 -9.46 7.71
C GLU A 224 26.01 -9.16 6.75
N ILE A 225 26.34 -8.82 5.48
CA ILE A 225 25.40 -8.53 4.40
C ILE A 225 24.75 -9.86 4.01
N PRO A 226 23.41 -9.92 3.79
CA PRO A 226 22.80 -11.19 3.37
C PRO A 226 23.29 -11.59 1.96
N ASP A 227 23.57 -12.86 1.81
CA ASP A 227 23.94 -13.48 0.55
C ASP A 227 22.72 -13.58 -0.41
N GLU A 228 22.85 -13.05 -1.63
CA GLU A 228 21.95 -13.12 -2.79
C GLU A 228 21.27 -14.49 -2.99
N ALA A 229 22.12 -15.52 -2.99
CA ALA A 229 21.71 -16.86 -3.33
C ALA A 229 20.93 -17.44 -2.16
N THR A 230 21.41 -17.24 -0.90
CA THR A 230 20.65 -17.70 0.28
C THR A 230 19.27 -17.01 0.27
N MET A 231 19.22 -15.71 -0.08
CA MET A 231 17.94 -15.04 -0.02
C MET A 231 16.92 -15.62 -0.99
N LYS A 232 17.39 -15.96 -2.19
CA LYS A 232 16.51 -16.58 -3.17
C LYS A 232 16.09 -17.97 -2.68
N LYS A 233 17.05 -18.74 -2.15
CA LYS A 233 16.75 -20.08 -1.65
C LYS A 233 15.71 -19.99 -0.51
N THR A 234 15.83 -18.95 0.32
CA THR A 234 14.95 -18.79 1.48
C THR A 234 13.52 -18.47 1.00
N GLU A 235 13.48 -17.68 -0.09
CA GLU A 235 12.21 -17.24 -0.64
C GLU A 235 11.52 -18.39 -1.33
N VAL A 236 12.32 -19.23 -2.01
CA VAL A 236 11.75 -20.42 -2.63
C VAL A 236 11.20 -21.32 -1.51
N SER A 237 11.97 -21.38 -0.43
CA SER A 237 11.58 -22.29 0.64
C SER A 237 10.27 -21.81 1.29
N ALA A 238 10.11 -20.48 1.51
CA ALA A 238 8.90 -19.96 2.15
C ALA A 238 7.66 -20.24 1.28
N VAL A 239 7.84 -20.08 -0.02
CA VAL A 239 6.79 -20.30 -0.95
C VAL A 239 6.45 -21.79 -1.02
N SER A 240 7.45 -22.70 -1.00
CA SER A 240 6.99 -24.10 -1.04
C SER A 240 6.26 -24.49 0.25
N ILE A 241 6.77 -23.98 1.37
CA ILE A 241 6.11 -24.23 2.67
C ILE A 241 4.65 -23.77 2.64
N VAL A 242 4.35 -22.55 2.17
CA VAL A 242 2.94 -22.06 2.13
C VAL A 242 2.06 -22.89 1.19
N VAL A 243 2.61 -23.33 0.04
CA VAL A 243 1.94 -24.28 -0.86
C VAL A 243 1.70 -25.58 -0.12
N ALA A 244 2.74 -26.08 0.57
CA ALA A 244 2.50 -27.30 1.34
C ALA A 244 1.37 -27.14 2.41
N ALA A 245 1.34 -25.98 3.11
CA ALA A 245 0.40 -25.73 4.17
C ALA A 245 -0.96 -25.63 3.49
N ALA A 246 -1.05 -25.04 2.27
CA ALA A 246 -2.39 -24.94 1.68
C ALA A 246 -2.88 -26.38 1.44
N LYS A 247 -1.97 -27.27 1.00
CA LYS A 247 -2.33 -28.64 0.65
C LYS A 247 -2.87 -29.39 1.87
N LYS A 248 -2.17 -29.16 2.99
CA LYS A 248 -2.62 -29.73 4.26
C LYS A 248 -4.01 -29.25 4.62
N LEU A 249 -4.27 -27.97 4.47
CA LEU A 249 -5.55 -27.45 4.89
C LEU A 249 -6.66 -27.82 3.91
N LEU A 250 -6.31 -28.14 2.65
CA LEU A 250 -7.37 -28.47 1.72
C LEU A 250 -7.53 -30.01 1.62
N ALA A 251 -6.65 -30.77 2.27
CA ALA A 251 -6.67 -32.24 2.10
C ALA A 251 -8.01 -32.75 2.64
N ALA B 1 19.65 -0.35 -7.98
CA ALA B 1 18.88 0.88 -7.88
C ALA B 1 19.49 1.61 -6.69
N ASP B 2 19.22 2.91 -6.55
CA ASP B 2 19.69 3.64 -5.38
C ASP B 2 18.67 3.55 -4.24
N VAL B 3 17.47 2.99 -4.46
CA VAL B 3 16.52 3.00 -3.34
C VAL B 3 15.92 1.59 -3.25
N PHE B 4 15.25 1.26 -2.14
CA PHE B 4 14.97 -0.14 -1.86
C PHE B 4 13.77 -0.67 -2.66
N HIS B 5 12.82 0.19 -3.08
CA HIS B 5 11.63 -0.36 -3.72
C HIS B 5 11.39 0.14 -5.15
N LEU B 6 11.72 1.41 -5.47
CA LEU B 6 11.14 1.95 -6.69
C LEU B 6 11.98 1.45 -7.87
N GLY B 7 13.24 1.06 -7.61
CA GLY B 7 14.10 0.52 -8.67
C GLY B 7 14.70 1.62 -9.52
N LEU B 8 14.90 2.78 -8.89
CA LEU B 8 15.36 4.00 -9.55
C LEU B 8 16.74 4.39 -9.00
N THR B 9 17.56 5.06 -9.85
CA THR B 9 18.80 5.69 -9.41
C THR B 9 18.59 7.18 -9.59
N LYS B 10 19.45 8.02 -9.04
CA LYS B 10 19.16 9.43 -9.13
C LYS B 10 19.27 9.94 -10.56
N ALA B 11 20.27 9.45 -11.31
CA ALA B 11 20.48 9.88 -12.68
C ALA B 11 19.22 9.61 -13.49
N MET B 12 18.45 8.57 -13.18
CA MET B 12 17.25 8.37 -14.00
C MET B 12 16.24 9.54 -14.01
N LEU B 13 16.17 10.31 -12.92
CA LEU B 13 15.23 11.42 -12.80
C LEU B 13 15.70 12.65 -13.58
N ASP B 14 16.95 12.61 -14.10
CA ASP B 14 17.43 13.69 -14.94
C ASP B 14 17.25 15.04 -14.22
N GLY B 15 17.41 15.05 -12.89
CA GLY B 15 17.32 16.30 -12.15
C GLY B 15 15.90 16.63 -11.67
N ALA B 16 14.88 15.78 -11.95
CA ALA B 16 13.52 16.11 -11.49
C ALA B 16 13.51 16.48 -9.99
N THR B 17 12.82 17.59 -9.61
CA THR B 17 12.60 17.84 -8.19
C THR B 17 11.12 17.72 -7.79
N LEU B 18 10.26 17.44 -8.77
CA LEU B 18 8.83 17.41 -8.54
C LEU B 18 8.31 16.07 -9.05
N ALA B 19 7.37 15.46 -8.28
CA ALA B 19 6.78 14.18 -8.68
C ALA B 19 5.26 14.41 -8.72
N ILE B 20 4.59 13.83 -9.71
CA ILE B 20 3.11 13.70 -9.64
C ILE B 20 2.87 12.27 -9.19
N VAL B 21 2.03 12.08 -8.13
CA VAL B 21 2.03 10.77 -7.50
C VAL B 21 0.58 10.26 -7.53
N PRO B 22 0.09 9.64 -8.63
CA PRO B 22 -1.29 9.11 -8.65
C PRO B 22 -1.29 7.75 -7.91
N GLY B 23 -2.45 7.20 -7.58
CA GLY B 23 -2.40 5.92 -6.84
C GLY B 23 -2.10 4.73 -7.74
N ASP B 24 -2.64 4.73 -8.96
CA ASP B 24 -2.77 3.54 -9.76
C ASP B 24 -1.56 3.43 -10.68
N PRO B 25 -0.75 2.33 -10.57
CA PRO B 25 0.34 2.10 -11.52
C PRO B 25 -0.11 2.26 -12.97
N GLU B 26 -1.38 1.94 -13.23
CA GLU B 26 -1.84 1.81 -14.60
C GLU B 26 -2.12 3.20 -15.17
N ARG B 27 -2.24 4.25 -14.32
CA ARG B 27 -2.52 5.63 -14.70
C ARG B 27 -1.23 6.43 -14.95
N VAL B 28 -0.06 5.90 -14.52
CA VAL B 28 1.16 6.67 -14.61
C VAL B 28 1.45 7.08 -16.07
N LYS B 29 1.43 6.09 -16.97
CA LYS B 29 1.84 6.34 -18.35
C LYS B 29 1.00 7.49 -18.92
N ARG B 30 -0.33 7.41 -18.72
CA ARG B 30 -1.17 8.33 -19.43
C ARG B 30 -1.00 9.74 -18.87
N ILE B 31 -0.69 9.84 -17.59
CA ILE B 31 -0.38 11.16 -17.08
C ILE B 31 0.97 11.62 -17.64
N ALA B 32 1.95 10.72 -17.76
CA ALA B 32 3.26 11.12 -18.26
C ALA B 32 3.11 11.66 -19.70
N GLU B 33 2.25 11.04 -20.48
CA GLU B 33 2.01 11.39 -21.90
C GLU B 33 1.31 12.72 -22.09
N LEU B 34 0.80 13.34 -21.00
CA LEU B 34 0.34 14.71 -21.20
C LEU B 34 1.53 15.64 -21.29
N MET B 35 2.73 15.18 -20.87
CA MET B 35 3.94 16.00 -20.97
C MET B 35 4.78 15.51 -22.12
N ASP B 36 6.03 16.01 -22.26
CA ASP B 36 6.77 15.68 -23.49
C ASP B 36 7.77 14.55 -23.18
N ASN B 37 8.08 13.73 -24.20
CA ASN B 37 9.09 12.69 -24.13
C ASN B 37 8.84 11.75 -22.94
N ALA B 38 7.58 11.29 -22.76
CA ALA B 38 7.27 10.42 -21.63
C ALA B 38 8.15 9.16 -21.76
N THR B 39 8.79 8.74 -20.67
CA THR B 39 9.78 7.68 -20.73
C THR B 39 9.52 6.83 -19.48
N PHE B 40 9.18 5.58 -19.68
CA PHE B 40 9.19 4.56 -18.63
C PHE B 40 10.54 4.59 -17.90
N LEU B 41 10.53 4.56 -16.56
CA LEU B 41 11.76 4.45 -15.78
C LEU B 41 11.85 3.06 -15.12
N ALA B 42 10.81 2.62 -14.37
CA ALA B 42 10.90 1.33 -13.68
C ALA B 42 9.49 0.86 -13.30
N SER B 43 9.31 -0.44 -12.99
CA SER B 43 8.05 -0.85 -12.41
C SER B 43 8.37 -2.01 -11.48
N HIS B 44 8.24 -1.81 -10.16
CA HIS B 44 8.42 -2.87 -9.15
C HIS B 44 7.19 -2.79 -8.23
N ARG B 45 6.52 -3.92 -7.99
CA ARG B 45 5.44 -3.92 -7.02
C ARG B 45 4.40 -2.96 -7.56
N GLU B 46 3.85 -2.11 -6.69
CA GLU B 46 2.83 -1.19 -7.17
C GLU B 46 3.42 0.12 -7.67
N TYR B 47 4.78 0.22 -7.74
CA TYR B 47 5.43 1.48 -8.07
C TYR B 47 5.88 1.43 -9.54
N THR B 48 5.08 2.05 -10.39
CA THR B 48 5.42 2.36 -11.80
C THR B 48 5.84 3.84 -11.91
N SER B 49 7.01 4.11 -12.49
CA SER B 49 7.54 5.47 -12.49
C SER B 49 7.92 5.80 -13.94
N TYR B 50 7.55 7.03 -14.36
CA TYR B 50 7.92 7.56 -15.66
C TYR B 50 8.58 8.91 -15.42
N LEU B 51 9.40 9.33 -16.42
CA LEU B 51 9.85 10.70 -16.49
C LEU B 51 9.13 11.32 -17.66
N ALA B 52 8.75 12.61 -17.57
CA ALA B 52 8.36 13.39 -18.73
C ALA B 52 8.82 14.84 -18.50
N TYR B 53 8.69 15.69 -19.50
CA TYR B 53 9.14 17.06 -19.39
C TYR B 53 7.95 18.02 -19.54
N ALA B 54 7.82 18.90 -18.54
CA ALA B 54 6.73 19.87 -18.45
C ALA B 54 7.38 21.24 -18.68
N ASP B 55 7.10 21.84 -19.86
CA ASP B 55 7.69 23.12 -20.23
C ASP B 55 9.20 23.01 -20.12
N GLY B 56 9.73 21.88 -20.59
CA GLY B 56 11.18 21.77 -20.62
C GLY B 56 11.76 21.24 -19.32
N LYS B 57 10.95 21.09 -18.26
CA LYS B 57 11.60 20.63 -17.05
C LYS B 57 11.22 19.18 -16.67
N PRO B 58 12.16 18.41 -16.10
CA PRO B 58 11.87 16.99 -15.78
C PRO B 58 10.88 16.87 -14.64
N VAL B 59 9.86 16.04 -14.86
CA VAL B 59 8.92 15.68 -13.83
C VAL B 59 8.90 14.15 -13.71
N VAL B 60 8.86 13.64 -12.49
CA VAL B 60 8.70 12.21 -12.33
C VAL B 60 7.23 11.92 -12.04
N ILE B 61 6.72 10.83 -12.64
CA ILE B 61 5.33 10.43 -12.38
C ILE B 61 5.39 9.02 -11.78
N CYS B 62 4.87 8.85 -10.55
CA CYS B 62 5.13 7.60 -9.84
C CYS B 62 3.92 7.23 -9.03
N SER B 63 3.45 5.97 -9.22
CA SER B 63 2.27 5.43 -8.53
C SER B 63 2.64 5.20 -7.06
N THR B 64 1.66 5.32 -6.18
CA THR B 64 1.90 5.18 -4.75
C THR B 64 1.37 3.84 -4.23
N GLY B 65 0.48 3.20 -5.00
CA GLY B 65 -0.39 2.12 -4.53
C GLY B 65 -1.50 2.71 -3.68
N ILE B 66 -2.20 1.84 -2.99
CA ILE B 66 -3.33 2.31 -2.21
C ILE B 66 -2.89 2.38 -0.77
N GLY B 67 -3.18 3.52 -0.08
CA GLY B 67 -2.97 3.66 1.33
C GLY B 67 -1.62 4.31 1.72
N GLY B 68 -1.64 4.84 2.91
CA GLY B 68 -0.52 5.58 3.47
C GLY B 68 0.74 4.77 3.55
N PRO B 69 0.72 3.45 3.90
CA PRO B 69 1.99 2.73 4.00
C PRO B 69 2.71 2.68 2.64
N SER B 70 2.00 2.23 1.59
CA SER B 70 2.67 2.10 0.30
C SER B 70 3.06 3.50 -0.20
N THR B 71 2.24 4.51 0.08
CA THR B 71 2.59 5.87 -0.36
C THR B 71 3.86 6.33 0.36
N SER B 72 3.99 6.01 1.63
CA SER B 72 5.09 6.53 2.42
C SER B 72 6.42 6.07 1.84
N ILE B 73 6.45 4.83 1.40
CA ILE B 73 7.62 4.27 0.77
C ILE B 73 7.93 5.09 -0.52
N ALA B 74 6.95 5.28 -1.41
CA ALA B 74 7.22 5.97 -2.68
C ALA B 74 7.70 7.41 -2.41
N VAL B 75 7.06 8.07 -1.45
CA VAL B 75 7.42 9.46 -1.23
C VAL B 75 8.86 9.56 -0.64
N GLU B 76 9.16 8.68 0.32
CA GLU B 76 10.44 8.77 0.99
C GLU B 76 11.53 8.47 -0.06
N GLU B 77 11.30 7.44 -0.89
CA GLU B 77 12.35 7.04 -1.84
C GLU B 77 12.52 8.08 -2.98
N LEU B 78 11.41 8.69 -3.47
CA LEU B 78 11.54 9.78 -4.42
C LEU B 78 12.30 10.94 -3.75
N ALA B 79 11.98 11.28 -2.47
CA ALA B 79 12.74 12.35 -1.81
C ALA B 79 14.26 12.03 -1.72
N GLN B 80 14.60 10.76 -1.51
CA GLN B 80 16.00 10.36 -1.49
C GLN B 80 16.62 10.63 -2.87
N LEU B 81 15.78 10.69 -3.91
CA LEU B 81 16.34 10.87 -5.23
C LEU B 81 16.25 12.32 -5.68
N GLY B 82 15.80 13.16 -4.74
CA GLY B 82 15.89 14.60 -4.91
C GLY B 82 14.53 15.24 -5.10
N VAL B 83 13.43 14.48 -5.08
CA VAL B 83 12.15 15.13 -5.27
C VAL B 83 11.82 15.89 -3.98
N ASN B 84 11.46 17.16 -4.08
CA ASN B 84 11.03 17.81 -2.86
C ASN B 84 9.59 18.32 -2.95
N THR B 85 8.94 18.07 -4.07
CA THR B 85 7.55 18.48 -4.25
C THR B 85 6.74 17.36 -4.80
N PHE B 86 5.54 17.19 -4.22
CA PHE B 86 4.76 15.99 -4.54
C PHE B 86 3.31 16.39 -4.77
N LEU B 87 2.82 16.18 -5.97
CA LEU B 87 1.46 16.58 -6.25
C LEU B 87 0.66 15.30 -6.43
N ARG B 88 -0.36 15.14 -5.58
CA ARG B 88 -1.25 14.02 -5.70
C ARG B 88 -2.39 14.38 -6.64
N VAL B 89 -2.77 13.42 -7.50
CA VAL B 89 -4.03 13.59 -8.19
C VAL B 89 -4.80 12.29 -8.05
N GLY B 90 -6.12 12.36 -8.00
CA GLY B 90 -6.84 11.12 -7.74
C GLY B 90 -8.31 11.42 -8.08
N ALA B 91 -9.18 10.41 -7.98
CA ALA B 91 -10.62 10.61 -8.25
C ALA B 91 -11.27 10.29 -6.91
N THR B 92 -12.32 10.99 -6.49
CA THR B 92 -12.67 10.80 -5.08
C THR B 92 -14.19 10.76 -5.02
N GLY B 93 -14.72 10.40 -3.87
CA GLY B 93 -16.15 10.51 -3.69
C GLY B 93 -16.43 11.62 -2.68
N ALA B 94 -17.35 12.51 -3.05
CA ALA B 94 -17.70 13.64 -2.24
C ALA B 94 -18.75 13.23 -1.19
N ILE B 95 -18.77 13.94 -0.05
CA ILE B 95 -19.77 13.67 0.96
C ILE B 95 -20.57 14.93 1.26
N GLN B 96 -20.41 15.98 0.49
CA GLN B 96 -21.20 17.17 0.71
C GLN B 96 -22.23 17.19 -0.40
N PRO B 97 -23.50 17.41 -0.03
CA PRO B 97 -24.61 17.38 -0.97
C PRO B 97 -24.38 18.20 -2.25
N HIS B 98 -23.78 19.40 -2.17
CA HIS B 98 -23.68 20.17 -3.40
C HIS B 98 -22.28 20.10 -4.06
N VAL B 99 -21.47 19.13 -3.67
CA VAL B 99 -20.23 18.95 -4.41
C VAL B 99 -20.55 17.86 -5.42
N ASN B 100 -20.69 18.24 -6.68
CA ASN B 100 -21.31 17.35 -7.66
C ASN B 100 -20.30 16.51 -8.37
N VAL B 101 -20.76 15.39 -8.94
CA VAL B 101 -19.97 14.63 -9.89
C VAL B 101 -19.50 15.57 -10.99
N GLY B 102 -18.17 15.56 -11.23
CA GLY B 102 -17.53 16.38 -12.26
C GLY B 102 -16.88 17.59 -11.62
N ASP B 103 -17.18 17.87 -10.33
CA ASP B 103 -16.48 18.92 -9.61
C ASP B 103 -15.04 18.49 -9.32
N VAL B 104 -14.19 19.46 -8.96
CA VAL B 104 -12.81 19.23 -8.52
C VAL B 104 -12.68 19.73 -7.05
N ILE B 105 -11.89 18.95 -6.27
CA ILE B 105 -11.56 19.31 -4.89
C ILE B 105 -10.04 19.51 -4.80
N VAL B 106 -9.65 20.66 -4.27
CA VAL B 106 -8.28 20.81 -3.85
C VAL B 106 -8.31 20.63 -2.33
N THR B 107 -7.55 19.64 -1.88
CA THR B 107 -7.51 19.31 -0.48
C THR B 107 -6.50 20.21 0.21
N GLN B 108 -6.94 21.11 1.09
CA GLN B 108 -5.93 21.94 1.77
C GLN B 108 -5.30 21.22 2.98
N ALA B 109 -6.00 20.25 3.56
CA ALA B 109 -5.55 19.54 4.75
C ALA B 109 -6.46 18.35 4.92
N SER B 110 -6.07 17.36 5.74
CA SER B 110 -6.85 16.13 5.79
C SER B 110 -7.06 15.73 7.25
N VAL B 111 -8.22 15.12 7.52
CA VAL B 111 -8.45 14.37 8.75
C VAL B 111 -7.57 13.13 8.68
N ARG B 112 -6.75 12.96 9.71
CA ARG B 112 -5.75 11.91 9.75
C ARG B 112 -6.36 10.67 10.37
N LEU B 113 -7.13 9.91 9.56
CA LEU B 113 -7.69 8.64 10.03
C LEU B 113 -6.79 7.53 9.55
N ASP B 114 -5.48 7.77 9.36
CA ASP B 114 -4.57 6.82 8.73
C ASP B 114 -3.56 6.44 9.83
N GLY B 115 -2.92 5.26 9.76
CA GLY B 115 -1.94 4.95 10.79
C GLY B 115 -0.60 5.57 10.46
N ALA B 116 -0.26 5.69 9.14
CA ALA B 116 1.11 6.01 8.70
C ALA B 116 1.53 7.44 9.12
N SER B 117 0.56 8.38 9.09
CA SER B 117 0.90 9.76 9.48
C SER B 117 1.46 9.77 10.91
N LEU B 118 0.99 8.82 11.74
CA LEU B 118 1.45 8.80 13.12
C LEU B 118 2.91 8.39 13.23
N HIS B 119 3.56 7.96 12.12
CA HIS B 119 4.96 7.52 12.16
C HIS B 119 5.78 8.76 11.94
N PHE B 120 5.06 9.84 11.51
CA PHE B 120 5.80 11.02 11.16
C PHE B 120 5.50 12.13 12.16
N ALA B 121 4.34 12.12 12.79
CA ALA B 121 4.10 13.23 13.71
C ALA B 121 3.01 12.77 14.64
N PRO B 122 2.95 13.27 15.90
CA PRO B 122 1.84 12.94 16.77
C PRO B 122 0.59 13.53 16.12
N MET B 123 -0.56 13.00 16.54
CA MET B 123 -1.84 13.28 15.89
C MET B 123 -2.15 14.79 15.89
N GLU B 124 -1.66 15.53 16.93
CA GLU B 124 -1.98 16.95 17.10
C GLU B 124 -1.46 17.76 15.92
N PHE B 125 -0.41 17.25 15.25
CA PHE B 125 0.11 17.94 14.07
C PHE B 125 -0.86 17.93 12.87
N PRO B 126 -1.05 19.06 12.15
CA PRO B 126 -2.11 19.15 11.13
C PRO B 126 -1.57 18.56 9.83
N ALA B 127 -2.32 17.63 9.22
CA ALA B 127 -1.96 17.11 7.90
C ALA B 127 -2.30 18.17 6.87
N VAL B 128 -1.41 19.16 6.73
CA VAL B 128 -1.76 20.35 5.96
C VAL B 128 -0.93 20.31 4.66
N ALA B 129 -1.54 20.71 3.55
CA ALA B 129 -0.85 20.82 2.26
C ALA B 129 0.03 22.09 2.27
N ASN B 130 1.06 22.10 1.41
CA ASN B 130 1.93 23.25 1.24
C ASN B 130 1.12 24.38 0.60
N PHE B 131 1.29 25.59 1.15
CA PHE B 131 0.50 26.73 0.72
C PHE B 131 0.72 27.10 -0.75
N GLU B 132 1.99 27.24 -1.11
CA GLU B 132 2.27 27.56 -2.52
C GLU B 132 1.73 26.52 -3.50
N CYS B 133 1.92 25.22 -3.18
CA CYS B 133 1.47 24.14 -4.09
C CYS B 133 -0.05 24.16 -4.15
N THR B 134 -0.70 24.43 -3.02
CA THR B 134 -2.15 24.44 -3.07
C THR B 134 -2.62 25.64 -3.94
N THR B 135 -1.90 26.77 -3.75
CA THR B 135 -2.19 27.98 -4.54
C THR B 135 -2.08 27.70 -6.06
N ALA B 136 -1.01 27.01 -6.40
CA ALA B 136 -0.82 26.61 -7.81
C ALA B 136 -1.96 25.70 -8.27
N MET B 137 -2.35 24.74 -7.44
CA MET B 137 -3.45 23.90 -7.90
C MET B 137 -4.71 24.71 -8.17
N VAL B 138 -5.05 25.58 -7.20
CA VAL B 138 -6.23 26.40 -7.36
C VAL B 138 -6.09 27.28 -8.63
N ALA B 139 -4.93 27.87 -8.89
CA ALA B 139 -4.68 28.66 -10.11
C ALA B 139 -4.94 27.80 -11.38
N ALA B 140 -4.43 26.55 -11.38
CA ALA B 140 -4.59 25.68 -12.52
C ALA B 140 -6.06 25.35 -12.72
N CYS B 141 -6.80 25.06 -11.65
CA CYS B 141 -8.24 24.84 -11.84
C CYS B 141 -8.84 26.08 -12.52
N ARG B 142 -8.51 27.27 -12.01
CA ARG B 142 -9.21 28.47 -12.49
C ARG B 142 -8.90 28.74 -13.96
N ASP B 143 -7.65 28.48 -14.34
CA ASP B 143 -7.25 28.62 -15.72
C ASP B 143 -8.09 27.71 -16.60
N ALA B 144 -8.51 26.56 -16.07
CA ALA B 144 -9.24 25.59 -16.86
C ALA B 144 -10.73 25.95 -16.81
N GLY B 145 -11.06 27.09 -16.19
CA GLY B 145 -12.50 27.37 -16.02
C GLY B 145 -13.18 26.63 -14.87
N VAL B 146 -12.41 26.08 -13.93
CA VAL B 146 -13.05 25.28 -12.90
C VAL B 146 -12.87 25.99 -11.56
N GLU B 147 -13.96 26.16 -10.80
CA GLU B 147 -13.84 26.74 -9.47
C GLU B 147 -13.73 25.58 -8.47
N PRO B 148 -12.54 25.30 -7.88
CA PRO B 148 -12.42 24.11 -7.03
C PRO B 148 -13.09 24.33 -5.68
N HIS B 149 -13.64 23.25 -5.09
CA HIS B 149 -14.03 23.30 -3.69
C HIS B 149 -12.74 23.07 -2.91
N ILE B 150 -12.35 24.03 -2.08
CA ILE B 150 -11.08 23.98 -1.38
C ILE B 150 -11.39 23.69 0.10
N GLY B 151 -10.84 22.60 0.63
CA GLY B 151 -11.13 22.35 2.03
C GLY B 151 -10.55 21.00 2.44
N VAL B 152 -11.24 20.38 3.43
CA VAL B 152 -10.69 19.29 4.22
C VAL B 152 -11.19 17.96 3.65
N THR B 153 -10.28 17.00 3.61
CA THR B 153 -10.61 15.65 3.07
C THR B 153 -10.39 14.66 4.20
N ALA B 154 -11.25 13.65 4.35
CA ALA B 154 -11.01 12.58 5.32
C ALA B 154 -10.14 11.49 4.70
N SER B 155 -9.00 11.20 5.37
CA SER B 155 -7.98 10.37 4.73
C SER B 155 -7.85 9.11 5.60
N SER B 156 -8.30 7.94 5.07
CA SER B 156 -8.46 6.79 5.95
C SER B 156 -7.77 5.53 5.42
N ASP B 157 -7.58 4.56 6.30
CA ASP B 157 -6.82 3.34 6.00
C ASP B 157 -7.72 2.23 5.48
N THR B 158 -9.01 2.44 5.31
CA THR B 158 -9.72 1.34 4.70
C THR B 158 -10.60 1.94 3.60
N PHE B 159 -10.92 1.11 2.60
CA PHE B 159 -11.71 1.58 1.47
C PHE B 159 -13.12 1.86 1.98
N TYR B 160 -13.73 2.87 1.37
CA TYR B 160 -14.73 3.73 1.98
C TYR B 160 -15.71 4.29 0.93
N SER B 180 -20.27 8.49 11.74
CA SER B 180 -18.85 8.68 11.34
C SER B 180 -18.68 9.48 10.02
N MET B 181 -19.31 9.06 8.91
CA MET B 181 -19.41 9.92 7.74
C MET B 181 -20.22 11.21 8.01
N LYS B 182 -21.38 11.09 8.66
CA LYS B 182 -22.16 12.24 9.04
C LYS B 182 -21.33 13.22 9.88
N GLU B 183 -20.53 12.69 10.82
CA GLU B 183 -19.62 13.46 11.64
C GLU B 183 -18.74 14.33 10.71
N TRP B 184 -18.05 13.69 9.76
CA TRP B 184 -17.31 14.47 8.80
C TRP B 184 -18.16 15.43 8.00
N GLN B 185 -19.37 15.05 7.57
CA GLN B 185 -20.13 16.03 6.77
C GLN B 185 -20.47 17.30 7.55
N ASP B 186 -20.94 17.11 8.79
CA ASP B 186 -21.31 18.25 9.63
C ASP B 186 -20.12 19.13 9.94
N MET B 187 -18.90 18.58 9.82
CA MET B 187 -17.69 19.38 10.00
C MET B 187 -17.18 20.00 8.70
N GLY B 188 -17.92 19.81 7.60
CA GLY B 188 -17.62 20.45 6.33
C GLY B 188 -16.58 19.69 5.48
N VAL B 189 -16.22 18.45 5.86
CA VAL B 189 -15.24 17.64 5.16
C VAL B 189 -15.83 17.35 3.77
N LEU B 190 -15.03 17.49 2.72
CA LEU B 190 -15.52 17.45 1.34
C LEU B 190 -15.63 16.03 0.77
N ASN B 191 -14.73 15.14 1.17
CA ASN B 191 -14.55 13.89 0.45
C ASN B 191 -13.65 13.01 1.29
N TYR B 192 -13.46 11.79 0.83
CA TYR B 192 -12.80 10.70 1.54
C TYR B 192 -11.78 10.17 0.54
N GLU B 193 -10.57 9.86 1.02
CA GLU B 193 -9.63 9.12 0.19
C GLU B 193 -8.69 8.42 1.14
N MET B 194 -7.54 7.93 0.62
CA MET B 194 -6.79 7.10 1.54
C MET B 194 -5.31 7.48 1.64
N GLU B 195 -4.81 8.51 0.94
CA GLU B 195 -3.35 8.68 0.96
C GLU B 195 -2.94 10.06 1.45
N SER B 196 -3.82 11.06 1.37
CA SER B 196 -3.46 12.48 1.54
C SER B 196 -3.01 12.82 2.95
N ALA B 197 -3.51 12.14 4.00
CA ALA B 197 -3.08 12.52 5.36
C ALA B 197 -1.62 12.08 5.49
N THR B 198 -1.33 10.88 4.97
CA THR B 198 0.00 10.38 5.08
C THR B 198 0.88 11.31 4.27
N LEU B 199 0.53 11.51 2.97
CA LEU B 199 1.31 12.42 2.12
C LEU B 199 1.62 13.76 2.82
N PHE B 200 0.56 14.38 3.30
CA PHE B 200 0.73 15.75 3.81
C PHE B 200 1.60 15.79 5.07
N THR B 201 1.39 14.81 5.99
CA THR B 201 2.10 14.83 7.26
C THR B 201 3.56 14.53 7.04
N MET B 202 3.82 13.54 6.21
CA MET B 202 5.22 13.20 6.07
C MET B 202 5.93 14.32 5.35
N CYS B 203 5.26 14.97 4.39
CA CYS B 203 5.96 16.03 3.64
C CYS B 203 6.08 17.29 4.53
N ALA B 204 5.03 17.58 5.30
CA ALA B 204 5.08 18.82 6.09
C ALA B 204 6.25 18.73 7.07
N THR B 205 6.41 17.56 7.66
CA THR B 205 7.34 17.38 8.77
C THR B 205 8.77 17.24 8.26
N GLN B 206 8.95 16.98 6.98
CA GLN B 206 10.34 16.85 6.58
C GLN B 206 10.70 17.87 5.54
N GLY B 207 9.93 18.94 5.45
CA GLY B 207 10.47 19.97 4.59
C GLY B 207 10.17 19.75 3.08
N TRP B 208 9.31 18.83 2.68
CA TRP B 208 8.91 18.70 1.28
C TRP B 208 7.57 19.40 1.14
N ARG B 209 7.20 19.74 -0.11
CA ARG B 209 5.94 20.40 -0.38
C ARG B 209 4.98 19.36 -0.93
N ALA B 210 3.69 19.44 -0.57
CA ALA B 210 2.72 18.52 -1.14
C ALA B 210 1.40 19.25 -1.39
N ALA B 211 0.65 18.79 -2.39
CA ALA B 211 -0.69 19.28 -2.63
C ALA B 211 -1.55 18.17 -3.23
N CYS B 212 -2.87 18.38 -3.35
CA CYS B 212 -3.64 17.23 -3.77
C CYS B 212 -4.84 17.78 -4.51
N VAL B 213 -5.14 17.22 -5.69
CA VAL B 213 -6.34 17.64 -6.42
C VAL B 213 -7.14 16.37 -6.72
N ALA B 214 -8.48 16.44 -6.82
CA ALA B 214 -9.08 15.17 -7.15
C ALA B 214 -10.36 15.50 -7.90
N GLY B 215 -10.74 14.62 -8.84
CA GLY B 215 -11.94 14.86 -9.63
C GLY B 215 -13.03 14.13 -8.86
N VAL B 216 -14.22 14.72 -8.72
CA VAL B 216 -15.22 13.99 -7.95
C VAL B 216 -15.97 13.04 -8.89
N ILE B 217 -15.84 11.75 -8.67
CA ILE B 217 -16.45 10.84 -9.61
C ILE B 217 -17.78 10.32 -9.06
N VAL B 218 -18.06 10.51 -7.76
CA VAL B 218 -19.27 9.98 -7.17
C VAL B 218 -19.63 10.85 -5.97
N ASN B 219 -20.90 10.93 -5.62
CA ASN B 219 -21.34 11.71 -4.47
C ASN B 219 -22.20 10.83 -3.57
N ARG B 220 -21.66 10.57 -2.39
CA ARG B 220 -22.17 9.60 -1.43
C ARG B 220 -23.49 10.03 -0.81
N THR B 221 -23.80 11.33 -0.83
CA THR B 221 -25.13 11.81 -0.45
C THR B 221 -26.19 11.59 -1.55
N GLN B 222 -25.78 11.18 -2.76
CA GLN B 222 -26.70 11.22 -3.91
C GLN B 222 -27.17 9.82 -4.25
N GLN B 223 -28.48 9.77 -4.42
CA GLN B 223 -29.30 8.75 -5.04
C GLN B 223 -28.64 8.26 -6.34
N GLU B 224 -28.63 9.18 -7.33
CA GLU B 224 -28.25 8.93 -8.70
C GLU B 224 -26.85 8.31 -8.73
N ILE B 225 -26.67 7.26 -9.56
CA ILE B 225 -25.41 6.64 -9.98
C ILE B 225 -24.70 7.62 -10.92
N PRO B 226 -23.36 7.78 -10.81
CA PRO B 226 -22.63 8.72 -11.67
C PRO B 226 -22.51 8.25 -13.12
N ASP B 227 -22.53 9.20 -14.06
CA ASP B 227 -22.41 8.82 -15.47
C ASP B 227 -20.97 8.41 -15.81
N GLU B 228 -20.75 7.29 -16.54
CA GLU B 228 -19.40 6.80 -16.88
C GLU B 228 -18.60 7.83 -17.66
N ALA B 229 -19.27 8.56 -18.52
CA ALA B 229 -18.55 9.46 -19.40
C ALA B 229 -18.17 10.68 -18.57
N THR B 230 -19.10 11.12 -17.73
CA THR B 230 -18.78 12.19 -16.80
C THR B 230 -17.55 11.80 -15.99
N MET B 231 -17.52 10.56 -15.50
CA MET B 231 -16.46 10.21 -14.59
C MET B 231 -15.14 10.20 -15.36
N LYS B 232 -15.12 9.74 -16.62
CA LYS B 232 -13.83 9.75 -17.29
C LYS B 232 -13.41 11.21 -17.59
N LYS B 233 -14.37 12.07 -17.96
CA LYS B 233 -14.05 13.46 -18.30
C LYS B 233 -13.47 14.17 -17.07
N THR B 234 -14.02 13.83 -15.90
CA THR B 234 -13.66 14.47 -14.63
C THR B 234 -12.21 14.12 -14.26
N GLU B 235 -11.87 12.86 -14.41
CA GLU B 235 -10.54 12.33 -14.14
C GLU B 235 -9.56 12.95 -15.12
N VAL B 236 -9.99 13.14 -16.37
CA VAL B 236 -9.15 13.79 -17.37
C VAL B 236 -8.82 15.21 -16.93
N SER B 237 -9.86 15.87 -16.45
CA SER B 237 -9.74 17.24 -16.03
C SER B 237 -8.72 17.34 -14.87
N ALA B 238 -8.81 16.39 -13.90
CA ALA B 238 -8.00 16.45 -12.69
C ALA B 238 -6.53 16.26 -13.07
N VAL B 239 -6.27 15.30 -13.99
CA VAL B 239 -4.93 15.03 -14.46
C VAL B 239 -4.42 16.25 -15.22
N SER B 240 -5.31 16.85 -16.00
CA SER B 240 -4.88 18.02 -16.75
C SER B 240 -4.48 19.19 -15.80
N ILE B 241 -5.31 19.46 -14.79
CA ILE B 241 -5.06 20.42 -13.72
C ILE B 241 -3.76 20.13 -13.01
N VAL B 242 -3.53 18.89 -12.58
CA VAL B 242 -2.30 18.72 -11.81
C VAL B 242 -1.07 19.02 -12.66
N VAL B 243 -1.08 18.58 -13.95
CA VAL B 243 0.03 18.86 -14.87
C VAL B 243 0.19 20.40 -15.04
N ALA B 244 -0.92 21.09 -15.26
CA ALA B 244 -0.89 22.55 -15.27
C ALA B 244 -0.29 23.15 -13.99
N ALA B 245 -0.65 22.59 -12.81
CA ALA B 245 -0.13 23.12 -11.54
C ALA B 245 1.37 22.83 -11.52
N ALA B 246 1.78 21.62 -11.98
CA ALA B 246 3.21 21.27 -11.95
C ALA B 246 4.01 22.30 -12.77
N LYS B 247 3.48 22.72 -13.94
CA LYS B 247 4.19 23.72 -14.74
C LYS B 247 4.22 25.07 -14.02
N LYS B 248 3.12 25.51 -13.38
CA LYS B 248 3.23 26.73 -12.59
C LYS B 248 4.39 26.63 -11.58
N LEU B 249 4.54 25.53 -10.85
CA LEU B 249 5.53 25.44 -9.80
C LEU B 249 6.96 25.33 -10.33
N LEU B 250 7.16 24.85 -11.57
CA LEU B 250 8.49 24.64 -12.09
C LEU B 250 8.85 25.86 -12.95
N ALA B 251 7.89 26.79 -13.09
CA ALA B 251 8.15 28.04 -13.81
C ALA B 251 9.33 28.79 -13.17
C1 GOL C . -8.81 -16.81 14.88
O1 GOL C . -8.96 -17.65 13.72
C2 GOL C . -10.11 -16.65 15.62
O2 GOL C . -11.04 -15.80 14.93
C3 GOL C . -10.78 -17.98 15.94
O3 GOL C . -12.12 -17.75 16.40
C1 GOL D . -10.12 -22.41 13.54
O1 GOL D . -10.09 -23.23 12.38
C2 GOL D . -9.40 -23.00 14.74
O2 GOL D . -8.02 -23.28 14.52
C3 GOL D . -9.29 -21.95 15.79
O3 GOL D . -10.56 -21.62 16.27
S SO4 E . 6.27 -9.17 0.87
O1 SO4 E . 6.76 -9.45 2.18
O2 SO4 E . 7.35 -9.14 -0.09
O3 SO4 E . 5.34 -10.26 0.53
O4 SO4 E . 5.61 -7.88 0.83
S SO4 F . 12.54 -19.02 18.78
O1 SO4 F . 13.24 -18.22 17.84
O2 SO4 F . 13.40 -19.81 19.55
O3 SO4 F . 11.68 -19.94 18.13
O4 SO4 F . 11.81 -18.14 19.65
S SO4 G . 27.59 -10.04 12.70
O1 SO4 G . 27.23 -8.68 12.92
O2 SO4 G . 29.01 -10.18 12.81
O3 SO4 G . 26.93 -10.85 13.69
O4 SO4 G . 27.18 -10.50 11.38
C1 GOL H . 3.64 22.71 4.69
O1 GOL H . 4.30 22.83 3.42
C2 GOL H . 4.59 23.19 5.79
O2 GOL H . 5.68 22.27 5.96
C3 GOL H . 5.10 24.59 5.49
O3 GOL H . 6.18 24.98 6.34
C1 GOL I . 6.17 27.05 0.71
O1 GOL I . 6.81 27.01 -0.57
C2 GOL I . 5.28 28.28 0.91
O2 GOL I . 3.90 28.00 0.58
C3 GOL I . 5.22 28.63 2.38
O3 GOL I . 4.97 27.48 3.18
S SO4 J . -6.63 6.86 -7.14
O1 SO4 J . -6.16 5.83 -6.22
O2 SO4 J . -5.59 7.13 -8.10
O3 SO4 J . -6.99 8.04 -6.42
O4 SO4 J . -7.81 6.40 -7.86
S SO4 K . 7.20 11.17 -27.58
O1 SO4 K . 8.63 11.31 -27.35
O2 SO4 K . 6.94 9.89 -28.19
O3 SO4 K . 6.50 11.26 -26.32
O4 SO4 K . 6.74 12.21 -28.45
S SO4 L . -17.38 24.59 -0.97
O1 SO4 L . -15.96 24.58 -0.87
O2 SO4 L . -17.92 24.79 0.33
O3 SO4 L . -17.82 23.35 -1.47
O4 SO4 L . -17.85 25.64 -1.83
LI LI M . -0.40 -0.81 -2.08
#